data_3G4H
#
_entry.id   3G4H
#
_cell.length_a   64.365
_cell.length_b   52.019
_cell.length_c   85.832
_cell.angle_alpha   90.00
_cell.angle_beta   100.11
_cell.angle_gamma   90.00
#
_symmetry.space_group_name_H-M   'P 1 21 1'
#
loop_
_entity.id
_entity.type
_entity.pdbx_description
1 polymer Regucalcin
2 non-polymer 'ZINC ION'
3 water water
#
_entity_poly.entity_id   1
_entity_poly.type   'polypeptide(L)'
_entity_poly.pdbx_seq_one_letter_code
;SIKIECVLPENCRCGESPVWEEVSNSLLFVDIPAKKVCRWDSFTKQVQRVTMDAPVSSVALRQSGGYVATIGTKFCALNW
KEQSAVVLATVDNDKKNNRFNDGKVDPAGRYFAGTMAEETAPAVLERHQGALYSLFPDHHVKKYFDQVDISNGLDWSLDH
KIFYYIDSLSYSVDAFDYDLQTGQISNRRSVYKLEKEEQIPDGMCIDAEGKLWVACYNGGRVIRLDPVTGKRLQTVKLPV
DKTTSCCFGGKNYSEMYVTCARDGMDPEGLLRQPEAGGIFKITGLGVKGIAPYSYAG
;
_entity_poly.pdbx_strand_id   B,A
#
loop_
_chem_comp.id
_chem_comp.type
_chem_comp.name
_chem_comp.formula
ZN non-polymer 'ZINC ION' 'Zn 2'
#
# COMPACT_ATOMS: atom_id res chain seq x y z
N SER A 1 18.72 27.48 5.37
CA SER A 1 17.21 27.28 5.12
C SER A 1 17.09 26.59 3.77
N ILE A 2 15.87 26.17 3.39
CA ILE A 2 15.58 25.53 2.10
C ILE A 2 15.11 26.56 1.11
N LYS A 3 15.70 26.55 -0.07
CA LYS A 3 15.22 27.42 -1.12
C LYS A 3 14.90 26.59 -2.34
N ILE A 4 13.67 26.76 -2.91
CA ILE A 4 13.08 25.91 -4.04
C ILE A 4 12.93 26.90 -5.24
N GLU A 5 13.44 26.46 -6.38
CA GLU A 5 13.22 27.17 -7.59
C GLU A 5 12.90 26.31 -8.75
N CYS A 6 11.91 26.73 -9.52
CA CYS A 6 11.54 26.07 -10.75
C CYS A 6 12.44 26.68 -11.78
N VAL A 7 13.56 26.00 -11.94
CA VAL A 7 14.59 26.31 -12.90
C VAL A 7 14.11 26.10 -14.36
N LEU A 8 13.10 25.28 -14.58
CA LEU A 8 12.62 25.15 -15.92
C LEU A 8 11.22 24.62 -15.95
N PRO A 9 10.28 25.52 -16.38
CA PRO A 9 8.82 25.29 -16.55
C PRO A 9 8.55 24.47 -17.81
N GLU A 10 9.25 23.35 -17.90
CA GLU A 10 9.23 22.38 -19.00
C GLU A 10 7.80 21.77 -19.27
N ASN A 11 6.94 21.76 -18.27
CA ASN A 11 5.71 20.99 -18.32
C ASN A 11 5.86 19.56 -18.90
N CYS A 12 6.76 18.77 -18.36
CA CYS A 12 7.00 17.40 -18.84
C CYS A 12 5.72 16.55 -18.62
N ARG A 13 5.36 15.76 -19.64
CA ARG A 13 4.29 14.73 -19.53
C ARG A 13 4.64 13.92 -18.32
N CYS A 14 5.84 13.35 -18.36
CA CYS A 14 6.43 12.73 -17.21
C CYS A 14 8.00 12.84 -17.17
N GLY A 15 8.53 13.88 -16.50
CA GLY A 15 9.96 14.08 -16.42
C GLY A 15 10.56 13.14 -15.42
N GLU A 16 11.67 12.50 -15.78
CA GLU A 16 12.30 11.44 -14.98
C GLU A 16 13.82 11.29 -15.20
N SER A 17 14.44 10.43 -14.44
CA SER A 17 15.91 10.13 -14.67
C SER A 17 16.82 11.36 -14.66
N PRO A 18 16.67 12.28 -13.67
CA PRO A 18 17.61 13.39 -13.67
C PRO A 18 19.04 12.86 -13.48
N VAL A 19 20.02 13.30 -14.29
CA VAL A 19 21.42 12.96 -14.12
C VAL A 19 22.27 14.29 -14.31
N TRP A 20 23.08 14.71 -13.34
CA TRP A 20 23.99 15.84 -13.45
C TRP A 20 25.20 15.48 -14.32
N GLU A 21 25.26 16.11 -15.47
CA GLU A 21 26.49 16.08 -16.26
C GLU A 21 27.43 17.31 -15.90
N GLU A 22 28.43 17.06 -15.02
CA GLU A 22 29.21 18.19 -14.45
C GLU A 22 30.23 18.76 -15.41
N VAL A 23 30.65 17.98 -16.41
CA VAL A 23 31.58 18.56 -17.46
C VAL A 23 30.88 19.58 -18.43
N SER A 24 29.55 19.57 -18.52
CA SER A 24 28.95 20.64 -19.36
C SER A 24 28.06 21.51 -18.41
N ASN A 25 28.03 21.15 -17.06
CA ASN A 25 27.15 21.85 -16.07
C ASN A 25 25.68 21.80 -16.49
N SER A 26 25.27 20.62 -16.94
CA SER A 26 23.91 20.43 -17.55
C SER A 26 23.15 19.38 -16.70
N LEU A 27 21.79 19.44 -16.61
CA LEU A 27 20.96 18.34 -16.09
C LEU A 27 20.36 17.59 -17.32
N LEU A 28 20.76 16.34 -17.45
CA LEU A 28 20.08 15.34 -18.33
C LEU A 28 18.84 14.76 -17.64
N PHE A 29 17.77 14.63 -18.39
CA PHE A 29 16.59 13.94 -17.87
C PHE A 29 15.84 13.34 -19.11
N VAL A 30 14.73 12.70 -18.83
CA VAL A 30 13.82 12.22 -19.86
C VAL A 30 12.38 12.68 -19.66
N ASP A 31 11.61 12.64 -20.72
CA ASP A 31 10.20 12.88 -20.68
C ASP A 31 9.56 11.51 -21.28
N ILE A 32 9.17 10.54 -20.43
CA ILE A 32 8.99 9.19 -20.97
C ILE A 32 7.96 9.08 -22.12
N PRO A 33 6.72 9.55 -21.88
CA PRO A 33 5.76 9.40 -23.02
C PRO A 33 5.97 10.30 -24.24
N ALA A 34 6.63 11.46 -24.07
CA ALA A 34 6.99 12.25 -25.24
C ALA A 34 8.17 11.61 -25.99
N LYS A 35 8.70 10.49 -25.39
CA LYS A 35 9.88 9.77 -25.98
C LYS A 35 11.15 10.70 -26.23
N LYS A 36 11.43 11.58 -25.27
CA LYS A 36 12.55 12.59 -25.33
C LYS A 36 13.66 12.41 -24.33
N VAL A 37 14.90 12.40 -24.78
CA VAL A 37 16.04 12.69 -23.94
C VAL A 37 16.25 14.18 -23.99
N CYS A 38 16.45 14.70 -22.79
CA CYS A 38 16.56 16.10 -22.52
C CYS A 38 17.86 16.53 -21.80
N ARG A 39 18.24 17.78 -22.04
CA ARG A 39 19.52 18.34 -21.43
C ARG A 39 19.33 19.80 -21.19
N TRP A 40 19.30 20.27 -19.94
CA TRP A 40 19.17 21.71 -19.62
C TRP A 40 20.56 22.26 -19.26
N ASP A 41 20.88 23.37 -19.89
CA ASP A 41 22.18 24.04 -19.67
C ASP A 41 21.88 24.94 -18.50
N SER A 42 22.57 24.75 -17.38
CA SER A 42 22.28 25.51 -16.18
C SER A 42 22.86 26.96 -16.34
N PHE A 43 23.73 27.19 -17.29
CA PHE A 43 24.26 28.50 -17.53
C PHE A 43 23.47 29.34 -18.51
N THR A 44 23.31 28.88 -19.73
CA THR A 44 22.35 29.55 -20.71
C THR A 44 20.89 29.45 -20.40
N LYS A 45 20.53 28.42 -19.64
CA LYS A 45 19.15 28.18 -19.18
C LYS A 45 18.23 27.52 -20.27
N GLN A 46 18.83 27.14 -21.40
CA GLN A 46 18.16 26.55 -22.52
C GLN A 46 18.17 24.96 -22.53
N VAL A 47 17.10 24.39 -22.98
CA VAL A 47 16.95 22.93 -23.02
C VAL A 47 16.95 22.44 -24.45
N GLN A 48 17.87 21.50 -24.75
CA GLN A 48 17.88 20.71 -25.98
C GLN A 48 17.24 19.34 -25.72
N ARG A 49 16.61 18.80 -26.73
CA ARG A 49 15.88 17.53 -26.61
C ARG A 49 16.03 16.73 -27.88
N VAL A 50 16.30 15.45 -27.75
CA VAL A 50 16.28 14.49 -28.85
C VAL A 50 15.06 13.50 -28.69
N THR A 51 14.38 13.30 -29.83
CA THR A 51 13.20 12.41 -29.96
C THR A 51 13.60 10.99 -30.44
N MET A 52 13.39 9.99 -29.57
CA MET A 52 13.57 8.58 -29.86
C MET A 52 12.26 8.00 -30.42
N ASP A 53 12.34 6.75 -30.83
CA ASP A 53 11.22 6.05 -31.46
C ASP A 53 10.37 5.20 -30.53
N ALA A 54 10.77 5.10 -29.27
CA ALA A 54 10.02 4.34 -28.25
C ALA A 54 10.24 5.12 -26.98
N PRO A 55 9.32 4.99 -25.98
CA PRO A 55 9.49 5.76 -24.73
C PRO A 55 10.92 5.59 -24.17
N VAL A 56 11.49 6.69 -23.70
CA VAL A 56 12.89 6.68 -23.14
C VAL A 56 12.66 6.83 -21.64
N SER A 57 13.08 5.86 -20.81
CA SER A 57 12.81 5.90 -19.36
C SER A 57 13.99 6.26 -18.47
N SER A 58 15.22 6.20 -19.07
CA SER A 58 16.41 6.63 -18.37
C SER A 58 17.55 6.94 -19.33
N VAL A 59 18.54 7.63 -18.80
CA VAL A 59 19.73 7.97 -19.53
C VAL A 59 20.91 7.98 -18.60
N ALA A 60 22.08 7.64 -19.11
CA ALA A 60 23.21 7.59 -18.23
C ALA A 60 24.44 8.02 -19.06
N LEU A 61 25.49 8.46 -18.37
CA LEU A 61 26.73 8.80 -19.08
C LEU A 61 27.46 7.54 -19.54
N ARG A 62 28.22 7.67 -20.66
CA ARG A 62 28.94 6.54 -21.17
C ARG A 62 30.43 6.82 -21.08
N GLN A 63 31.15 6.10 -20.20
CA GLN A 63 32.61 6.33 -19.99
C GLN A 63 33.42 6.71 -21.28
N SER A 64 33.18 5.98 -22.32
CA SER A 64 33.87 6.20 -23.56
C SER A 64 33.32 7.33 -24.39
N GLY A 65 32.22 7.96 -24.00
CA GLY A 65 31.65 9.10 -24.77
C GLY A 65 30.16 8.97 -25.14
N GLY A 66 29.43 10.09 -25.17
CA GLY A 66 27.97 10.06 -25.50
C GLY A 66 27.19 9.48 -24.32
N TYR A 67 26.04 8.86 -24.63
CA TYR A 67 25.13 8.42 -23.59
C TYR A 67 24.70 6.91 -23.77
N VAL A 68 24.20 6.31 -22.69
CA VAL A 68 23.40 5.06 -22.85
C VAL A 68 22.00 5.41 -22.33
N ALA A 69 20.99 4.64 -22.73
CA ALA A 69 19.61 4.95 -22.47
C ALA A 69 18.74 3.68 -22.56
N THR A 70 17.62 3.68 -21.88
CA THR A 70 16.71 2.53 -21.99
C THR A 70 15.44 3.00 -22.69
N ILE A 71 15.20 2.38 -23.87
CA ILE A 71 14.24 2.84 -24.85
C ILE A 71 13.43 1.62 -25.20
N GLY A 72 12.13 1.68 -24.90
CA GLY A 72 11.25 0.47 -24.86
C GLY A 72 11.81 -0.53 -23.84
N THR A 73 12.04 -1.78 -24.29
CA THR A 73 12.68 -2.84 -23.49
C THR A 73 14.16 -3.01 -24.01
N LYS A 74 14.80 -1.91 -24.49
CA LYS A 74 16.19 -2.01 -25.02
C LYS A 74 17.13 -1.07 -24.32
N PHE A 75 18.31 -1.59 -23.98
CA PHE A 75 19.47 -0.82 -23.49
C PHE A 75 20.15 -0.35 -24.75
N CYS A 76 20.20 0.97 -25.05
CA CYS A 76 20.76 1.55 -26.31
C CYS A 76 21.98 2.46 -26.04
N ALA A 77 22.88 2.63 -27.01
CA ALA A 77 23.91 3.69 -26.94
C ALA A 77 23.35 4.88 -27.67
N LEU A 78 23.66 6.05 -27.14
CA LEU A 78 23.07 7.26 -27.66
C LEU A 78 24.17 8.19 -28.01
N ASN A 79 24.28 8.47 -29.28
CA ASN A 79 25.13 9.52 -29.73
C ASN A 79 24.30 10.73 -29.97
N TRP A 80 24.58 11.78 -29.21
CA TRP A 80 23.70 12.95 -29.04
C TRP A 80 23.87 13.94 -30.19
N LYS A 81 25.07 13.94 -30.73
CA LYS A 81 25.38 14.66 -31.95
C LYS A 81 24.85 14.12 -33.29
N GLU A 82 24.38 12.90 -33.38
CA GLU A 82 23.57 12.61 -34.55
C GLU A 82 22.12 12.59 -34.21
N GLN A 83 21.76 11.60 -33.40
CA GLN A 83 20.48 11.50 -32.72
C GLN A 83 19.73 10.19 -32.90
N SER A 84 20.51 9.15 -33.20
CA SER A 84 19.99 7.81 -33.27
C SER A 84 20.73 6.90 -32.33
N ALA A 85 20.02 5.90 -31.90
CA ALA A 85 20.41 4.99 -30.84
C ALA A 85 20.95 3.74 -31.51
N VAL A 86 21.95 3.11 -30.91
CA VAL A 86 22.42 1.83 -31.41
C VAL A 86 22.17 0.70 -30.41
N VAL A 87 21.21 -0.17 -30.71
CA VAL A 87 20.84 -1.19 -29.74
C VAL A 87 22.09 -1.96 -29.24
N LEU A 88 22.22 -2.14 -27.93
CA LEU A 88 23.27 -2.93 -27.29
C LEU A 88 22.72 -4.25 -26.67
N ALA A 89 21.41 -4.29 -26.38
CA ALA A 89 20.82 -5.45 -25.75
C ALA A 89 19.32 -5.22 -25.67
N THR A 90 18.56 -6.33 -25.66
CA THR A 90 17.08 -6.38 -25.44
C THR A 90 16.71 -7.26 -24.22
N VAL A 91 15.70 -6.83 -23.49
CA VAL A 91 15.19 -7.68 -22.46
C VAL A 91 13.68 -7.92 -22.71
N ASP A 92 13.05 -8.81 -21.93
CA ASP A 92 11.58 -8.90 -21.90
C ASP A 92 10.92 -9.16 -23.30
N ASN A 93 11.67 -9.81 -24.20
CA ASN A 93 11.18 -10.05 -25.55
C ASN A 93 9.78 -10.73 -25.64
N ASP A 94 9.52 -11.62 -24.67
CA ASP A 94 8.28 -12.36 -24.47
C ASP A 94 7.16 -11.48 -23.88
N LYS A 95 7.49 -10.27 -23.39
CA LYS A 95 6.48 -9.33 -22.90
C LYS A 95 6.30 -8.17 -23.89
N LYS A 96 5.18 -8.24 -24.59
CA LYS A 96 4.95 -7.43 -25.76
C LYS A 96 4.02 -6.29 -25.38
N ASN A 97 4.43 -5.64 -24.29
CA ASN A 97 3.88 -4.45 -23.70
C ASN A 97 4.75 -3.95 -22.52
N ASN A 98 5.87 -4.60 -22.25
CA ASN A 98 6.83 -4.09 -21.19
C ASN A 98 7.56 -2.85 -21.70
N ARG A 99 8.05 -2.00 -20.77
CA ARG A 99 9.07 -0.90 -21.06
C ARG A 99 10.08 -0.90 -19.87
N PHE A 100 11.36 -0.55 -20.08
CA PHE A 100 12.25 -0.21 -18.94
C PHE A 100 11.66 1.01 -18.24
N ASN A 101 11.99 1.14 -16.93
CA ASN A 101 11.60 2.26 -16.11
C ASN A 101 12.98 2.89 -15.69
N ASP A 102 13.13 2.98 -14.40
CA ASP A 102 14.31 3.54 -13.91
C ASP A 102 15.62 2.71 -13.97
N GLY A 103 16.79 3.44 -14.15
CA GLY A 103 18.12 2.83 -14.46
C GLY A 103 19.20 3.87 -14.04
N LYS A 104 20.34 3.37 -13.61
CA LYS A 104 21.51 4.13 -13.01
C LYS A 104 22.67 3.18 -13.11
N VAL A 105 23.86 3.77 -13.21
CA VAL A 105 25.16 3.02 -13.31
C VAL A 105 25.66 2.71 -11.91
N ASP A 106 26.23 1.47 -11.77
CA ASP A 106 26.91 0.82 -10.67
C ASP A 106 28.18 1.60 -10.33
N PRO A 107 28.71 1.54 -9.03
CA PRO A 107 30.08 2.09 -8.72
C PRO A 107 31.17 1.44 -9.55
N ALA A 108 30.75 0.47 -10.39
CA ALA A 108 31.61 -0.33 -11.26
C ALA A 108 31.32 -0.26 -12.77
N GLY A 109 30.52 0.75 -13.21
CA GLY A 109 30.26 0.92 -14.66
C GLY A 109 29.18 -0.04 -15.20
N ARG A 110 28.39 -0.72 -14.32
CA ARG A 110 27.22 -1.48 -14.82
C ARG A 110 25.86 -0.74 -14.75
N TYR A 111 25.21 -0.74 -15.89
CA TYR A 111 23.92 -0.06 -16.06
C TYR A 111 22.73 -0.96 -15.54
N PHE A 112 22.27 -0.70 -14.30
CA PHE A 112 21.05 -1.33 -13.68
C PHE A 112 19.87 -0.49 -14.20
N ALA A 113 18.86 -1.26 -14.51
CA ALA A 113 17.55 -0.83 -14.98
C ALA A 113 16.56 -2.06 -14.89
N GLY A 114 15.30 -1.78 -14.52
CA GLY A 114 14.30 -2.72 -14.42
C GLY A 114 13.16 -2.17 -15.21
N THR A 115 12.25 -3.13 -15.50
CA THR A 115 11.12 -2.94 -16.37
C THR A 115 9.76 -3.08 -15.60
N MET A 116 8.66 -2.91 -16.37
CA MET A 116 7.27 -2.79 -15.88
C MET A 116 6.37 -3.00 -17.10
N ALA A 117 5.09 -3.24 -16.88
CA ALA A 117 4.16 -3.38 -17.96
C ALA A 117 3.69 -2.01 -18.23
N GLU A 118 3.62 -1.66 -19.50
CA GLU A 118 3.14 -0.36 -19.86
C GLU A 118 1.65 -0.22 -19.61
N GLU A 119 1.22 1.00 -19.39
CA GLU A 119 -0.09 1.22 -18.76
C GLU A 119 -1.05 1.91 -19.71
N THR A 120 -2.25 2.05 -19.26
CA THR A 120 -3.44 2.19 -20.10
C THR A 120 -4.22 3.45 -19.74
N ALA A 121 -5.10 3.89 -20.53
CA ALA A 121 -6.03 4.94 -20.14
C ALA A 121 -5.33 6.31 -20.02
N PRO A 122 -4.12 6.33 -19.46
CA PRO A 122 -2.91 6.02 -20.22
C PRO A 122 -1.66 6.51 -19.49
N ALA A 123 -1.00 5.61 -18.75
CA ALA A 123 -1.46 4.23 -18.53
C ALA A 123 -1.13 3.70 -17.11
N VAL A 124 -1.16 2.35 -16.95
CA VAL A 124 -1.95 1.71 -15.89
C VAL A 124 -2.63 0.44 -16.39
N LEU A 125 -1.83 -0.68 -16.34
CA LEU A 125 -2.20 -2.01 -15.86
C LEU A 125 -0.99 -2.75 -15.30
N GLU A 126 -0.74 -4.05 -15.70
CA GLU A 126 -1.21 -5.22 -14.96
C GLU A 126 -0.41 -6.46 -15.33
N ARG A 127 0.02 -6.65 -13.87
CA ARG A 127 0.80 -6.23 -12.73
C ARG A 127 1.77 -7.37 -12.56
N HIS A 128 2.65 -7.27 -11.59
CA HIS A 128 3.92 -8.13 -11.51
C HIS A 128 4.67 -8.49 -12.82
N GLN A 129 4.36 -7.78 -13.93
CA GLN A 129 5.02 -8.06 -15.24
C GLN A 129 6.58 -7.77 -15.34
N GLY A 130 7.12 -7.06 -14.36
CA GLY A 130 8.53 -6.49 -14.47
C GLY A 130 9.58 -7.44 -13.86
N ALA A 131 10.83 -7.18 -14.22
CA ALA A 131 12.05 -7.81 -13.68
C ALA A 131 13.14 -6.74 -13.54
N LEU A 132 14.23 -7.07 -12.83
CA LEU A 132 15.42 -6.15 -12.60
C LEU A 132 16.69 -6.76 -13.28
N TYR A 133 17.37 -5.93 -14.07
CA TYR A 133 18.47 -6.29 -14.97
C TYR A 133 19.66 -5.35 -14.69
N SER A 134 20.80 -5.68 -15.31
CA SER A 134 21.98 -4.84 -15.22
C SER A 134 22.83 -5.21 -16.41
N LEU A 135 23.08 -4.24 -17.27
CA LEU A 135 23.95 -4.40 -18.41
C LEU A 135 25.40 -4.32 -17.87
N PHE A 136 26.17 -5.39 -18.12
CA PHE A 136 27.59 -5.47 -17.78
C PHE A 136 28.42 -4.72 -18.85
N PRO A 137 29.68 -4.34 -18.51
CA PRO A 137 30.51 -3.66 -19.50
C PRO A 137 30.69 -4.43 -20.83
N ASP A 138 30.69 -5.81 -20.78
CA ASP A 138 30.70 -6.65 -22.05
C ASP A 138 29.43 -6.76 -22.90
N HIS A 139 28.39 -5.99 -22.52
CA HIS A 139 27.08 -5.89 -23.25
C HIS A 139 26.14 -7.13 -22.98
N HIS A 140 26.54 -7.98 -22.02
CA HIS A 140 25.71 -9.09 -21.60
C HIS A 140 24.84 -8.62 -20.40
N VAL A 141 23.55 -8.96 -20.51
CA VAL A 141 22.59 -8.70 -19.46
C VAL A 141 22.58 -9.81 -18.38
N LYS A 142 22.69 -9.41 -17.13
CA LYS A 142 22.37 -10.26 -15.98
C LYS A 142 20.90 -9.88 -15.79
N LYS A 143 20.08 -10.87 -15.42
CA LYS A 143 18.82 -10.67 -14.73
C LYS A 143 18.94 -10.89 -13.23
N TYR A 144 17.91 -10.56 -12.46
CA TYR A 144 18.02 -10.57 -10.98
C TYR A 144 16.76 -11.14 -10.31
N PHE A 145 15.58 -10.76 -10.80
CA PHE A 145 14.37 -11.22 -10.17
C PHE A 145 13.18 -10.52 -10.76
N ASP A 146 12.01 -11.20 -10.68
CA ASP A 146 10.83 -10.73 -11.33
C ASP A 146 9.65 -10.46 -10.41
N GLN A 147 8.44 -10.59 -11.05
CA GLN A 147 7.18 -10.19 -10.42
C GLN A 147 7.33 -8.81 -9.77
N VAL A 148 8.15 -7.87 -10.41
CA VAL A 148 8.16 -6.50 -10.03
C VAL A 148 6.83 -5.96 -10.59
N ASP A 149 6.29 -4.91 -9.87
CA ASP A 149 5.36 -3.87 -10.45
C ASP A 149 5.92 -2.72 -11.35
N ILE A 150 6.67 -1.78 -10.65
CA ILE A 150 7.25 -0.60 -11.22
C ILE A 150 8.71 -0.55 -10.65
N SER A 151 9.62 -1.15 -11.44
CA SER A 151 11.00 -1.01 -11.09
C SER A 151 11.22 0.51 -11.05
N ASN A 152 11.47 1.03 -9.85
CA ASN A 152 11.78 2.46 -9.64
C ASN A 152 13.14 2.82 -9.05
N GLY A 153 13.22 3.82 -8.10
CA GLY A 153 14.69 4.40 -7.86
C GLY A 153 15.65 3.36 -7.28
N LEU A 154 16.93 3.65 -7.41
CA LEU A 154 17.99 2.70 -7.05
C LEU A 154 19.33 3.55 -6.77
N ASP A 155 20.14 3.08 -5.84
CA ASP A 155 21.46 3.69 -5.55
C ASP A 155 22.28 2.69 -4.74
N TRP A 156 23.55 3.02 -4.51
CA TRP A 156 24.52 2.23 -3.73
C TRP A 156 25.00 3.00 -2.50
N SER A 157 25.26 2.26 -1.41
CA SER A 157 25.83 2.85 -0.18
C SER A 157 27.28 3.18 -0.49
N LEU A 158 27.83 4.00 0.41
CA LEU A 158 29.09 4.71 0.06
C LEU A 158 30.23 3.74 0.21
N ASP A 159 30.15 2.77 1.19
CA ASP A 159 31.03 1.57 1.22
C ASP A 159 30.88 0.57 0.07
N HIS A 160 29.90 0.78 -0.82
CA HIS A 160 29.65 -0.12 -1.95
C HIS A 160 29.30 -1.61 -1.50
N LYS A 161 28.53 -1.72 -0.40
CA LYS A 161 28.08 -2.98 0.18
C LYS A 161 26.52 -3.13 0.24
N ILE A 162 25.78 -2.16 -0.31
CA ILE A 162 24.36 -2.22 -0.18
C ILE A 162 23.82 -1.50 -1.36
N PHE A 163 22.89 -2.24 -1.99
CA PHE A 163 22.13 -1.87 -3.17
C PHE A 163 20.77 -1.42 -2.64
N TYR A 164 20.35 -0.16 -2.85
CA TYR A 164 18.96 0.16 -2.44
C TYR A 164 18.07 0.22 -3.65
N TYR A 165 16.83 -0.29 -3.49
CA TYR A 165 15.95 -0.55 -4.61
C TYR A 165 14.50 -0.23 -4.22
N ILE A 166 13.81 0.45 -5.09
CA ILE A 166 12.45 0.77 -4.94
C ILE A 166 11.70 0.10 -6.06
N ASP A 167 10.74 -0.68 -5.63
CA ASP A 167 9.58 -1.11 -6.43
C ASP A 167 8.33 -0.33 -5.94
N SER A 168 7.91 0.66 -6.77
CA SER A 168 6.79 1.59 -6.42
C SER A 168 5.49 0.95 -5.69
N LEU A 169 4.83 0.02 -6.38
CA LEU A 169 3.63 -0.59 -5.82
C LEU A 169 3.92 -1.56 -4.62
N SER A 170 5.22 -1.62 -4.22
CA SER A 170 5.67 -2.24 -2.92
C SER A 170 5.60 -1.23 -1.69
N TYR A 171 5.23 0.04 -1.96
CA TYR A 171 5.43 1.12 -0.97
C TYR A 171 6.60 0.93 -0.01
N SER A 172 7.64 0.23 -0.44
CA SER A 172 8.83 -0.05 0.41
C SER A 172 10.17 0.21 -0.33
N VAL A 173 11.07 0.89 0.40
CA VAL A 173 12.48 1.03 0.02
C VAL A 173 13.12 -0.22 0.65
N ASP A 174 13.80 -0.95 -0.21
CA ASP A 174 14.46 -2.20 0.11
C ASP A 174 15.96 -2.16 0.06
N ALA A 175 16.58 -3.05 0.89
CA ALA A 175 18.04 -3.17 0.74
C ALA A 175 18.32 -4.60 0.53
N PHE A 176 19.38 -4.73 -0.27
CA PHE A 176 20.14 -5.97 -0.54
C PHE A 176 21.64 -5.71 -0.16
N ASP A 177 22.29 -6.72 0.44
CA ASP A 177 23.81 -6.90 0.44
C ASP A 177 24.30 -6.90 -0.99
N TYR A 178 25.34 -6.11 -1.26
CA TYR A 178 25.85 -5.94 -2.64
C TYR A 178 27.35 -6.06 -2.73
N ASP A 179 27.76 -6.77 -3.77
CA ASP A 179 29.09 -7.20 -3.94
C ASP A 179 29.62 -6.53 -5.19
N LEU A 180 30.59 -5.65 -4.92
CA LEU A 180 31.17 -4.77 -5.96
C LEU A 180 31.71 -5.55 -7.13
N GLN A 181 32.45 -6.60 -6.82
CA GLN A 181 33.40 -7.19 -7.78
C GLN A 181 32.68 -7.95 -8.85
N THR A 182 31.49 -8.43 -8.42
CA THR A 182 30.59 -9.31 -9.19
C THR A 182 29.16 -8.70 -9.39
N GLY A 183 28.85 -7.53 -8.82
CA GLY A 183 27.48 -7.01 -9.08
C GLY A 183 26.33 -7.82 -8.46
N GLN A 184 26.69 -8.86 -7.67
CA GLN A 184 25.75 -9.69 -6.93
C GLN A 184 25.07 -8.99 -5.75
N ILE A 185 23.74 -9.00 -5.79
CA ILE A 185 22.87 -8.72 -4.59
C ILE A 185 22.22 -10.04 -4.00
N SER A 186 21.81 -9.93 -2.71
CA SER A 186 21.38 -10.99 -1.72
C SER A 186 20.78 -10.38 -0.39
N ASN A 187 19.91 -11.12 0.32
CA ASN A 187 19.31 -10.61 1.62
C ASN A 187 18.38 -9.36 1.47
N ARG A 188 17.47 -9.44 0.50
CA ARG A 188 16.54 -8.38 0.31
C ARG A 188 15.69 -8.13 1.61
N ARG A 189 15.75 -6.90 2.16
CA ARG A 189 14.84 -6.52 3.26
C ARG A 189 14.36 -5.07 3.27
N SER A 190 13.07 -4.84 3.53
CA SER A 190 12.56 -3.49 3.79
C SER A 190 13.42 -2.63 4.76
N VAL A 191 13.93 -1.46 4.31
CA VAL A 191 14.53 -0.56 5.31
C VAL A 191 13.57 0.64 5.56
N TYR A 192 12.45 0.73 4.85
CA TYR A 192 11.54 1.84 5.13
C TYR A 192 10.14 1.64 4.50
N LYS A 193 9.12 2.07 5.22
CA LYS A 193 7.77 1.98 4.76
C LYS A 193 7.05 3.31 4.73
N LEU A 194 6.54 3.62 3.57
CA LEU A 194 5.87 4.90 3.28
C LEU A 194 4.56 5.08 4.08
N GLU A 195 4.29 6.28 4.54
CA GLU A 195 3.03 6.53 5.23
C GLU A 195 1.97 6.85 4.18
N LYS A 196 0.68 6.70 4.54
CA LYS A 196 -0.42 6.95 3.53
C LYS A 196 -0.11 8.25 2.65
N GLU A 197 0.18 9.35 3.36
CA GLU A 197 0.42 10.76 2.92
C GLU A 197 1.58 10.97 1.95
N GLU A 198 2.63 10.09 2.10
CA GLU A 198 3.87 10.07 1.22
C GLU A 198 3.54 9.39 -0.11
N GLN A 199 2.38 8.71 -0.21
CA GLN A 199 2.04 8.12 -1.50
C GLN A 199 3.02 7.11 -1.96
N ILE A 200 3.19 7.13 -3.36
CA ILE A 200 3.99 6.04 -4.01
C ILE A 200 5.46 6.50 -4.14
N PRO A 201 6.42 5.74 -3.57
CA PRO A 201 7.93 5.97 -3.58
C PRO A 201 8.37 5.84 -5.09
N ASP A 202 9.21 6.73 -5.61
CA ASP A 202 9.43 6.73 -7.05
C ASP A 202 11.07 6.71 -7.21
N GLY A 203 11.73 7.86 -7.60
CA GLY A 203 13.19 7.74 -7.80
C GLY A 203 13.88 7.96 -6.49
N MET A 204 15.28 7.83 -6.46
CA MET A 204 15.98 8.07 -5.26
C MET A 204 17.49 8.13 -5.49
N CYS A 205 18.31 8.67 -4.45
CA CYS A 205 19.74 9.05 -4.76
C CYS A 205 20.29 9.09 -3.32
N ILE A 206 21.44 8.48 -3.13
CA ILE A 206 22.05 8.52 -1.83
C ILE A 206 22.76 9.95 -1.63
N ASP A 207 23.02 10.41 -0.40
CA ASP A 207 23.77 11.65 -0.13
C ASP A 207 25.17 11.32 0.38
N ALA A 208 26.08 12.33 0.58
CA ALA A 208 27.44 11.99 1.10
C ALA A 208 27.39 11.56 2.65
N GLU A 209 26.28 11.73 3.35
CA GLU A 209 26.18 11.08 4.70
C GLU A 209 25.68 9.59 4.67
N GLY A 210 25.20 9.15 3.50
CA GLY A 210 24.70 7.78 3.27
C GLY A 210 23.17 7.62 3.48
N LYS A 211 22.49 8.75 3.59
CA LYS A 211 21.05 8.78 3.69
C LYS A 211 20.42 8.64 2.33
N LEU A 212 19.10 8.62 2.21
CA LEU A 212 18.59 8.35 0.92
C LEU A 212 17.50 9.33 0.73
N TRP A 213 17.41 9.88 -0.47
CA TRP A 213 16.37 10.83 -0.74
C TRP A 213 15.43 10.15 -1.71
N VAL A 214 14.08 10.17 -1.37
CA VAL A 214 13.06 9.55 -2.21
C VAL A 214 11.90 10.46 -2.51
N ALA A 215 11.62 10.65 -3.85
CA ALA A 215 10.57 11.50 -4.36
C ALA A 215 9.29 10.61 -4.22
N CYS A 216 8.24 11.24 -3.68
CA CYS A 216 6.95 10.64 -3.42
C CYS A 216 5.96 11.21 -4.45
N TYR A 217 5.71 10.33 -5.41
CA TYR A 217 4.85 10.56 -6.54
C TYR A 217 3.42 10.61 -5.98
N ASN A 218 2.71 11.70 -6.32
CA ASN A 218 1.52 12.27 -5.66
C ASN A 218 1.63 12.78 -4.20
N GLY A 219 2.79 12.57 -3.54
CA GLY A 219 3.06 13.27 -2.22
C GLY A 219 3.70 14.69 -2.31
N GLY A 220 3.86 15.22 -3.54
CA GLY A 220 4.48 16.55 -3.66
C GLY A 220 5.58 16.79 -2.62
N ARG A 221 6.61 15.93 -2.64
CA ARG A 221 7.68 15.86 -1.63
C ARG A 221 8.77 14.84 -1.93
N VAL A 222 9.98 15.15 -1.28
CA VAL A 222 11.11 14.21 -1.20
C VAL A 222 11.32 14.08 0.29
N ILE A 223 11.60 12.79 0.75
CA ILE A 223 11.75 12.49 2.14
C ILE A 223 13.11 11.82 2.25
N ARG A 224 13.74 12.12 3.36
CA ARG A 224 15.18 11.76 3.49
C ARG A 224 15.14 10.77 4.58
N LEU A 225 15.81 9.65 4.36
CA LEU A 225 15.56 8.32 5.07
C LEU A 225 16.89 7.90 5.62
N ASP A 226 16.90 7.42 6.87
CA ASP A 226 18.08 6.76 7.39
C ASP A 226 18.00 5.28 7.15
N PRO A 227 18.83 4.73 6.20
CA PRO A 227 18.69 3.24 5.99
C PRO A 227 18.88 2.33 7.24
N VAL A 228 19.57 2.83 8.26
CA VAL A 228 20.12 1.91 9.31
C VAL A 228 19.20 1.89 10.48
N THR A 229 18.55 3.03 10.71
CA THR A 229 17.48 3.22 11.72
C THR A 229 16.05 3.09 11.11
N GLY A 230 15.91 3.14 9.77
CA GLY A 230 14.61 3.03 9.11
C GLY A 230 13.56 4.11 9.42
N LYS A 231 13.99 5.30 9.90
CA LYS A 231 13.12 6.48 10.21
C LYS A 231 13.28 7.61 9.13
N ARG A 232 12.21 8.40 8.92
CA ARG A 232 12.23 9.59 8.09
C ARG A 232 12.93 10.77 8.84
N LEU A 233 13.96 11.32 8.20
CA LEU A 233 14.79 12.42 8.72
C LEU A 233 14.25 13.84 8.36
N GLN A 234 13.81 14.12 7.10
CA GLN A 234 13.02 15.35 6.98
C GLN A 234 12.13 15.13 5.77
N THR A 235 11.16 16.06 5.59
CA THR A 235 10.32 16.25 4.41
C THR A 235 10.53 17.69 3.77
N VAL A 236 10.66 17.67 2.45
CA VAL A 236 10.78 18.89 1.76
C VAL A 236 9.55 18.81 0.90
N LYS A 237 8.63 19.76 1.07
CA LYS A 237 7.44 19.70 0.22
C LYS A 237 7.68 20.60 -0.99
N LEU A 238 6.97 20.29 -2.05
CA LEU A 238 7.12 20.92 -3.32
C LEU A 238 5.84 21.54 -3.92
N PRO A 239 5.99 22.59 -4.71
CA PRO A 239 4.85 23.33 -5.31
C PRO A 239 3.87 22.44 -6.14
N VAL A 240 4.24 21.19 -6.35
CA VAL A 240 3.64 20.36 -7.38
C VAL A 240 3.62 18.92 -6.77
N ASP A 241 2.48 18.21 -7.01
CA ASP A 241 2.14 16.84 -6.47
C ASP A 241 2.87 15.63 -7.01
N LYS A 242 3.24 15.65 -8.36
CA LYS A 242 3.78 14.44 -8.97
C LYS A 242 5.27 14.58 -9.14
N THR A 243 5.91 14.84 -8.00
CA THR A 243 7.41 14.73 -7.89
C THR A 243 7.74 13.23 -8.23
N THR A 244 8.57 12.99 -9.26
CA THR A 244 8.92 11.61 -9.67
C THR A 244 10.23 11.03 -9.23
N SER A 245 11.23 11.91 -9.31
CA SER A 245 12.59 11.46 -9.14
C SER A 245 13.50 12.62 -8.62
N CYS A 246 14.73 12.29 -8.24
CA CYS A 246 15.69 13.27 -7.66
C CYS A 246 17.12 12.85 -7.82
N CYS A 247 18.00 13.87 -7.86
CA CYS A 247 19.47 13.66 -7.98
C CYS A 247 20.20 14.91 -7.40
N PHE A 248 21.50 14.81 -7.19
CA PHE A 248 22.34 15.91 -6.70
C PHE A 248 23.11 16.45 -7.96
N GLY A 249 23.21 17.79 -8.03
CA GLY A 249 24.04 18.46 -9.07
C GLY A 249 24.53 19.87 -8.59
N GLY A 250 24.70 20.79 -9.56
CA GLY A 250 25.35 22.11 -9.19
C GLY A 250 26.76 21.89 -8.69
N LYS A 251 27.49 22.97 -8.27
CA LYS A 251 28.91 22.78 -7.91
C LYS A 251 29.09 21.77 -6.76
N ASN A 252 30.00 20.75 -6.94
CA ASN A 252 30.18 19.63 -5.96
C ASN A 252 28.85 19.03 -5.39
N TYR A 253 27.81 18.97 -6.24
CA TYR A 253 26.62 18.15 -5.86
C TYR A 253 25.95 18.78 -4.65
N SER A 254 25.97 20.12 -4.51
CA SER A 254 25.50 20.77 -3.30
C SER A 254 23.97 21.07 -3.48
N GLU A 255 23.41 20.86 -4.65
CA GLU A 255 22.01 21.22 -4.91
C GLU A 255 21.29 19.98 -5.35
N MET A 256 19.96 19.95 -5.06
CA MET A 256 19.19 18.73 -5.45
C MET A 256 18.24 19.11 -6.62
N TYR A 257 18.06 18.25 -7.66
CA TYR A 257 17.08 18.43 -8.78
C TYR A 257 15.95 17.34 -8.68
N VAL A 258 14.72 17.85 -8.69
CA VAL A 258 13.46 17.15 -8.66
C VAL A 258 12.73 17.37 -9.98
N THR A 259 12.47 16.20 -10.59
CA THR A 259 11.60 16.07 -11.76
C THR A 259 10.13 15.77 -11.28
N CYS A 260 9.25 16.04 -12.22
CA CYS A 260 7.84 15.86 -11.95
C CYS A 260 7.05 15.56 -13.23
N ALA A 261 5.79 15.15 -13.01
CA ALA A 261 4.88 14.73 -14.06
C ALA A 261 3.59 15.60 -14.11
N ARG A 262 3.15 15.95 -15.29
CA ARG A 262 1.80 16.51 -15.45
C ARG A 262 0.76 15.62 -16.08
N ASP A 263 1.13 14.46 -16.59
CA ASP A 263 0.16 13.46 -17.04
C ASP A 263 -0.69 12.84 -15.90
N GLY A 264 -1.97 12.60 -16.16
CA GLY A 264 -2.90 12.20 -15.12
C GLY A 264 -3.37 13.29 -14.18
N MET A 265 -3.42 14.52 -14.67
CA MET A 265 -4.03 15.65 -13.93
C MET A 265 -5.18 16.32 -14.69
N ASP A 266 -6.19 16.75 -13.95
CA ASP A 266 -7.43 17.36 -14.49
C ASP A 266 -7.17 18.84 -14.85
N PRO A 267 -7.96 19.43 -15.80
CA PRO A 267 -7.82 20.85 -16.17
C PRO A 267 -7.68 21.90 -14.99
N GLU A 268 -8.24 21.62 -13.79
CA GLU A 268 -8.27 22.68 -12.72
C GLU A 268 -7.08 22.60 -11.68
N GLY A 269 -6.43 21.42 -11.64
CA GLY A 269 -5.23 21.14 -10.83
C GLY A 269 -3.94 21.58 -11.51
N LEU A 270 -3.86 21.43 -12.82
CA LEU A 270 -2.95 22.21 -13.66
C LEU A 270 -2.98 23.71 -13.44
N LEU A 271 -4.16 24.29 -13.35
CA LEU A 271 -4.33 25.72 -12.98
C LEU A 271 -4.03 26.04 -11.47
N ARG A 272 -4.02 25.07 -10.57
CA ARG A 272 -3.41 25.36 -9.28
C ARG A 272 -1.94 25.08 -9.14
N GLN A 273 -1.42 24.22 -10.00
CA GLN A 273 0.03 23.99 -10.10
C GLN A 273 0.50 24.45 -11.53
N PRO A 274 0.65 25.81 -11.75
CA PRO A 274 1.16 26.27 -13.08
C PRO A 274 2.53 25.60 -13.55
N GLU A 275 3.22 25.01 -12.59
CA GLU A 275 4.49 24.37 -12.86
C GLU A 275 4.55 22.83 -12.81
N ALA A 276 3.43 22.16 -13.08
CA ALA A 276 3.42 20.67 -13.16
C ALA A 276 4.26 20.18 -14.38
N GLY A 277 5.13 19.18 -14.14
CA GLY A 277 6.08 18.71 -15.16
C GLY A 277 7.39 19.54 -15.31
N GLY A 278 7.64 20.51 -14.41
CA GLY A 278 8.93 21.25 -14.44
C GLY A 278 10.09 20.62 -13.69
N ILE A 279 11.19 21.35 -13.67
CA ILE A 279 12.40 20.95 -12.93
C ILE A 279 12.59 21.95 -11.80
N PHE A 280 12.65 21.44 -10.55
CA PHE A 280 12.93 22.24 -9.37
C PHE A 280 14.36 21.97 -8.90
N LYS A 281 14.93 22.95 -8.23
CA LYS A 281 16.27 22.87 -7.73
C LYS A 281 16.14 23.24 -6.24
N ILE A 282 16.75 22.48 -5.35
CA ILE A 282 16.59 22.75 -4.00
C ILE A 282 17.98 23.04 -3.52
N THR A 283 18.12 24.13 -2.83
CA THR A 283 19.47 24.40 -2.27
C THR A 283 19.22 24.50 -0.76
N GLY A 284 20.21 24.26 0.05
CA GLY A 284 20.05 24.52 1.44
C GLY A 284 19.80 23.30 2.26
N LEU A 285 20.17 22.13 1.76
CA LEU A 285 19.89 20.81 2.46
C LEU A 285 20.88 20.42 3.55
N GLY A 286 22.09 21.01 3.54
CA GLY A 286 23.13 20.69 4.49
C GLY A 286 24.00 19.52 4.08
N VAL A 287 23.60 18.81 3.06
CA VAL A 287 24.40 17.70 2.55
C VAL A 287 24.67 17.81 1.06
N LYS A 288 25.77 17.22 0.62
CA LYS A 288 26.02 17.08 -0.79
C LYS A 288 25.64 15.66 -1.25
N GLY A 289 25.54 15.51 -2.57
CA GLY A 289 25.27 14.23 -3.23
C GLY A 289 26.59 13.68 -3.65
N ILE A 290 26.58 12.65 -4.48
CA ILE A 290 27.77 12.13 -5.10
C ILE A 290 27.62 12.12 -6.61
N ALA A 291 28.69 12.20 -7.37
CA ALA A 291 28.66 12.28 -8.86
C ALA A 291 27.98 10.94 -9.41
N PRO A 292 27.29 11.02 -10.61
CA PRO A 292 26.94 9.71 -11.29
C PRO A 292 28.18 8.91 -11.77
N TYR A 293 28.04 7.54 -11.69
CA TYR A 293 28.94 6.66 -12.39
C TYR A 293 28.63 6.62 -13.90
N SER A 294 29.70 6.42 -14.67
CA SER A 294 29.61 6.38 -16.14
C SER A 294 29.62 4.88 -16.54
N TYR A 295 28.83 4.56 -17.57
CA TYR A 295 28.80 3.15 -18.03
C TYR A 295 30.09 2.70 -18.73
N ALA A 296 30.77 1.69 -18.18
CA ALA A 296 32.09 1.28 -18.66
C ALA A 296 32.12 0.28 -19.79
N GLY A 297 30.99 0.01 -20.49
CA GLY A 297 30.96 -0.80 -21.76
C GLY A 297 30.69 -0.05 -23.07
N SER B 1 -23.53 7.52 32.07
CA SER B 1 -22.25 6.79 32.41
C SER B 1 -21.97 5.37 31.77
N ILE B 2 -20.68 5.14 31.46
CA ILE B 2 -20.17 3.99 30.72
C ILE B 2 -19.47 2.92 31.63
N LYS B 3 -19.77 1.62 31.44
CA LYS B 3 -19.03 0.55 32.14
C LYS B 3 -18.30 -0.21 31.06
N ILE B 4 -17.01 -0.38 31.24
CA ILE B 4 -16.24 -1.24 30.38
C ILE B 4 -15.81 -2.42 31.21
N GLU B 5 -16.09 -3.62 30.75
CA GLU B 5 -15.60 -4.82 31.48
C GLU B 5 -15.03 -5.87 30.58
N CYS B 6 -14.06 -6.61 31.04
CA CYS B 6 -13.62 -7.80 30.30
C CYS B 6 -14.59 -8.81 30.69
N VAL B 7 -15.42 -9.34 29.76
CA VAL B 7 -16.35 -10.41 30.15
C VAL B 7 -15.72 -11.79 30.05
N LEU B 8 -14.77 -11.95 29.14
CA LEU B 8 -14.12 -13.22 28.91
C LEU B 8 -12.60 -12.97 28.59
N PRO B 9 -11.78 -13.27 29.58
CA PRO B 9 -10.30 -13.02 29.39
C PRO B 9 -9.67 -14.19 28.57
N GLU B 10 -9.99 -14.22 27.27
CA GLU B 10 -9.65 -15.31 26.36
C GLU B 10 -8.20 -15.22 25.87
N ASN B 11 -7.50 -14.12 26.22
CA ASN B 11 -6.12 -13.93 25.71
C ASN B 11 -5.97 -14.25 24.19
N CYS B 12 -6.94 -13.82 23.31
CA CYS B 12 -6.81 -14.18 21.92
C CYS B 12 -5.50 -13.51 21.30
N ARG B 13 -4.87 -14.24 20.42
CA ARG B 13 -3.71 -13.79 19.62
C ARG B 13 -4.29 -12.70 18.80
N CYS B 14 -5.42 -12.99 18.18
CA CYS B 14 -6.10 -11.90 17.49
C CYS B 14 -7.62 -11.99 17.51
N GLY B 15 -8.27 -11.50 18.54
CA GLY B 15 -9.79 -11.73 18.58
C GLY B 15 -10.45 -10.94 17.43
N GLU B 16 -11.39 -11.50 16.70
CA GLU B 16 -12.13 -10.79 15.63
C GLU B 16 -13.60 -11.15 15.44
N SER B 17 -14.25 -10.49 14.48
CA SER B 17 -15.55 -10.93 13.90
C SER B 17 -16.67 -11.22 14.97
N PRO B 18 -16.88 -10.30 16.01
CA PRO B 18 -17.89 -10.45 17.05
C PRO B 18 -19.25 -10.49 16.36
N VAL B 19 -20.09 -11.46 16.64
CA VAL B 19 -21.47 -11.48 16.13
C VAL B 19 -22.43 -11.95 17.25
N TRP B 20 -23.57 -11.31 17.40
CA TRP B 20 -24.52 -11.52 18.43
C TRP B 20 -25.54 -12.53 17.81
N GLU B 21 -25.61 -13.71 18.48
CA GLU B 21 -26.67 -14.66 18.20
C GLU B 21 -27.91 -14.58 19.19
N GLU B 22 -28.92 -13.79 18.84
CA GLU B 22 -29.98 -13.39 19.75
C GLU B 22 -30.83 -14.62 20.14
N VAL B 23 -30.90 -15.61 19.26
CA VAL B 23 -31.81 -16.73 19.48
C VAL B 23 -31.29 -17.53 20.69
N SER B 24 -30.01 -17.35 21.05
CA SER B 24 -29.44 -18.12 22.19
C SER B 24 -28.61 -17.25 23.19
N ASN B 25 -28.63 -15.94 22.94
CA ASN B 25 -27.93 -14.93 23.73
C ASN B 25 -26.50 -15.31 23.89
N SER B 26 -25.91 -15.60 22.76
CA SER B 26 -24.52 -15.93 22.59
C SER B 26 -23.79 -14.91 21.73
N LEU B 27 -22.50 -14.72 22.02
CA LEU B 27 -21.58 -14.05 21.08
C LEU B 27 -20.65 -15.07 20.41
N LEU B 28 -20.55 -14.97 19.04
CA LEU B 28 -19.45 -15.61 18.33
C LEU B 28 -18.38 -14.59 17.96
N PHE B 29 -17.20 -15.19 17.77
CA PHE B 29 -15.99 -14.45 17.43
C PHE B 29 -15.02 -15.44 17.00
N VAL B 30 -13.93 -14.96 16.44
CA VAL B 30 -12.86 -15.79 15.98
C VAL B 30 -11.56 -15.38 16.64
N ASP B 31 -10.58 -16.25 16.55
CA ASP B 31 -9.20 -15.92 16.99
C ASP B 31 -8.36 -16.27 15.77
N ILE B 32 -8.00 -15.29 14.96
CA ILE B 32 -7.57 -15.59 13.63
C ILE B 32 -6.32 -16.48 13.53
N PRO B 33 -5.18 -16.10 14.11
CA PRO B 33 -3.98 -17.00 14.00
C PRO B 33 -4.06 -18.35 14.82
N ALA B 34 -4.90 -18.38 15.90
CA ALA B 34 -5.25 -19.60 16.57
C ALA B 34 -6.20 -20.50 15.75
N LYS B 35 -6.73 -20.00 14.62
CA LYS B 35 -7.56 -20.79 13.73
C LYS B 35 -8.87 -21.25 14.49
N LYS B 36 -9.30 -20.52 15.52
CA LYS B 36 -10.56 -20.93 16.31
C LYS B 36 -11.77 -20.14 15.99
N VAL B 37 -12.92 -20.83 16.01
CA VAL B 37 -14.20 -20.22 16.21
C VAL B 37 -14.70 -20.47 17.65
N CYS B 38 -15.24 -19.40 18.26
CA CYS B 38 -15.69 -19.48 19.63
C CYS B 38 -17.14 -18.99 19.72
N ARG B 39 -17.80 -19.41 20.75
CA ARG B 39 -19.25 -19.15 20.98
C ARG B 39 -19.39 -19.12 22.50
N TRP B 40 -19.73 -17.97 22.97
CA TRP B 40 -19.75 -17.61 24.35
C TRP B 40 -21.23 -17.37 24.75
N ASP B 41 -21.76 -18.22 25.64
CA ASP B 41 -23.15 -18.03 26.06
C ASP B 41 -23.26 -16.98 27.14
N SER B 42 -23.90 -15.85 26.89
CA SER B 42 -23.95 -14.77 27.93
C SER B 42 -24.63 -15.12 29.27
N PHE B 43 -25.43 -16.17 29.27
CA PHE B 43 -26.16 -16.64 30.49
C PHE B 43 -25.34 -17.63 31.35
N THR B 44 -24.92 -18.72 30.77
CA THR B 44 -24.06 -19.69 31.41
C THR B 44 -22.61 -19.29 31.57
N LYS B 45 -22.16 -18.38 30.70
CA LYS B 45 -20.74 -17.90 30.64
C LYS B 45 -19.83 -18.92 30.10
N GLN B 46 -20.34 -19.94 29.42
CA GLN B 46 -19.48 -21.00 28.94
C GLN B 46 -19.10 -20.67 27.51
N VAL B 47 -17.85 -20.96 27.13
CA VAL B 47 -17.42 -20.78 25.75
C VAL B 47 -17.18 -22.16 25.13
N GLN B 48 -17.63 -22.36 23.92
CA GLN B 48 -17.15 -23.53 23.18
C GLN B 48 -16.27 -23.03 22.06
N ARG B 49 -15.40 -23.90 21.59
CA ARG B 49 -14.27 -23.63 20.65
C ARG B 49 -14.17 -24.75 19.68
N VAL B 50 -14.20 -24.42 18.39
CA VAL B 50 -13.77 -25.34 17.31
C VAL B 50 -12.43 -24.80 16.62
N THR B 51 -11.44 -25.66 16.37
CA THR B 51 -10.17 -25.25 15.73
C THR B 51 -10.24 -25.71 14.31
N MET B 52 -9.93 -24.82 13.35
CA MET B 52 -9.95 -25.15 11.94
C MET B 52 -8.53 -25.46 11.42
N ASP B 53 -8.43 -25.84 10.15
CA ASP B 53 -7.09 -26.06 9.55
C ASP B 53 -6.27 -24.87 8.93
N ALA B 54 -6.85 -23.64 8.88
CA ALA B 54 -6.32 -22.40 8.30
C ALA B 54 -6.86 -21.24 9.13
N PRO B 55 -6.21 -20.03 9.02
CA PRO B 55 -6.75 -18.84 9.70
C PRO B 55 -8.30 -18.80 9.48
N VAL B 56 -9.08 -18.66 10.56
CA VAL B 56 -10.47 -18.36 10.46
C VAL B 56 -10.65 -16.90 10.79
N SER B 57 -11.03 -16.15 9.77
CA SER B 57 -11.11 -14.62 9.83
C SER B 57 -12.41 -13.97 10.19
N SER B 58 -13.52 -14.70 9.93
CA SER B 58 -14.82 -14.12 10.16
C SER B 58 -15.79 -15.34 10.31
N VAL B 59 -16.95 -15.09 10.89
CA VAL B 59 -18.03 -16.05 11.09
C VAL B 59 -19.34 -15.31 11.10
N ALA B 60 -20.34 -15.87 10.45
CA ALA B 60 -21.63 -15.33 10.44
C ALA B 60 -22.77 -16.45 10.63
N LEU B 61 -23.95 -15.97 10.96
CA LEU B 61 -25.22 -16.80 11.04
C LEU B 61 -25.65 -17.38 9.69
N ARG B 62 -26.07 -18.66 9.63
CA ARG B 62 -26.58 -19.25 8.43
C ARG B 62 -28.14 -19.63 8.76
N GLN B 63 -29.09 -19.12 7.97
CA GLN B 63 -30.45 -19.07 8.32
C GLN B 63 -30.96 -20.54 8.39
N SER B 64 -30.44 -21.40 7.51
CA SER B 64 -30.85 -22.88 7.40
C SER B 64 -30.29 -23.67 8.61
N GLY B 65 -29.44 -23.10 9.46
CA GLY B 65 -28.84 -23.73 10.59
C GLY B 65 -27.30 -23.79 10.68
N GLY B 66 -26.79 -23.74 11.89
CA GLY B 66 -25.31 -23.69 11.97
C GLY B 66 -24.83 -22.34 11.50
N TYR B 67 -23.56 -22.31 11.04
CA TYR B 67 -22.92 -21.02 10.74
C TYR B 67 -22.22 -21.05 9.37
N VAL B 68 -21.67 -19.88 8.93
CA VAL B 68 -20.75 -19.70 7.78
C VAL B 68 -19.48 -19.04 8.33
N ALA B 69 -18.33 -19.35 7.72
CA ALA B 69 -17.01 -18.80 8.17
C ALA B 69 -16.15 -18.62 6.89
N THR B 70 -15.11 -17.73 7.00
CA THR B 70 -14.13 -17.66 5.97
C THR B 70 -12.87 -18.23 6.64
N ILE B 71 -12.45 -19.41 6.14
CA ILE B 71 -11.29 -20.16 6.59
C ILE B 71 -10.29 -20.17 5.38
N GLY B 72 -9.04 -19.71 5.62
CA GLY B 72 -8.12 -19.51 4.50
C GLY B 72 -8.75 -18.52 3.48
N THR B 73 -8.89 -18.97 2.23
CA THR B 73 -9.55 -18.34 1.13
C THR B 73 -10.79 -19.03 0.60
N LYS B 74 -11.44 -19.74 1.56
CA LYS B 74 -12.72 -20.34 1.35
C LYS B 74 -13.83 -19.85 2.24
N PHE B 75 -14.96 -19.75 1.55
CA PHE B 75 -16.25 -19.66 2.21
C PHE B 75 -16.71 -21.03 2.62
N CYS B 76 -16.99 -21.22 3.91
CA CYS B 76 -17.38 -22.64 4.38
C CYS B 76 -18.64 -22.55 5.24
N ALA B 77 -19.44 -23.62 5.26
CA ALA B 77 -20.50 -23.74 6.21
C ALA B 77 -19.96 -24.64 7.36
N LEU B 78 -20.38 -24.34 8.55
CA LEU B 78 -19.89 -24.97 9.71
C LEU B 78 -21.05 -25.71 10.35
N ASN B 79 -20.83 -26.97 10.64
CA ASN B 79 -21.79 -27.77 11.49
C ASN B 79 -21.09 -27.84 12.88
N TRP B 80 -21.56 -26.97 13.77
CA TRP B 80 -20.90 -26.63 15.04
C TRP B 80 -20.74 -27.94 15.92
N LYS B 81 -21.83 -28.71 16.01
CA LYS B 81 -21.90 -29.93 16.82
C LYS B 81 -20.96 -31.04 16.25
N GLU B 82 -21.10 -31.31 14.91
CA GLU B 82 -20.16 -32.22 14.16
C GLU B 82 -18.71 -31.68 14.09
N GLN B 83 -18.50 -30.43 14.46
CA GLN B 83 -17.16 -29.77 14.28
C GLN B 83 -16.62 -29.96 12.83
N SER B 84 -17.52 -29.78 11.85
CA SER B 84 -17.30 -30.15 10.44
C SER B 84 -17.63 -28.90 9.66
N ALA B 85 -16.76 -28.60 8.64
CA ALA B 85 -16.99 -27.54 7.64
C ALA B 85 -17.10 -28.07 6.22
N VAL B 86 -18.04 -27.52 5.44
CA VAL B 86 -18.18 -27.93 4.07
C VAL B 86 -17.79 -26.68 3.26
N VAL B 87 -16.95 -26.81 2.24
CA VAL B 87 -16.45 -25.60 1.40
C VAL B 87 -17.57 -25.13 0.49
N LEU B 88 -18.02 -23.93 0.65
CA LEU B 88 -19.01 -23.40 -0.30
C LEU B 88 -18.49 -22.82 -1.69
N ALA B 89 -17.30 -22.13 -1.65
CA ALA B 89 -16.67 -21.44 -2.75
C ALA B 89 -15.21 -21.14 -2.31
N THR B 90 -14.31 -21.06 -3.30
CA THR B 90 -12.86 -20.48 -3.11
C THR B 90 -12.56 -19.22 -3.97
N VAL B 91 -11.74 -18.30 -3.45
CA VAL B 91 -11.32 -17.10 -4.19
C VAL B 91 -9.81 -17.07 -4.53
N ASP B 92 -9.26 -15.89 -4.82
CA ASP B 92 -7.83 -15.73 -4.78
C ASP B 92 -7.04 -17.07 -5.01
N ASN B 93 -7.46 -17.91 -5.94
CA ASN B 93 -6.56 -19.03 -6.27
C ASN B 93 -5.21 -18.68 -6.88
N ASP B 94 -5.20 -17.60 -7.64
CA ASP B 94 -3.97 -17.09 -8.19
C ASP B 94 -2.95 -16.52 -7.17
N LYS B 95 -3.37 -16.23 -5.94
CA LYS B 95 -2.44 -15.73 -4.94
C LYS B 95 -1.75 -16.84 -4.13
N LYS B 96 -0.41 -16.81 -4.04
CA LYS B 96 0.30 -17.83 -3.26
C LYS B 96 0.09 -17.65 -1.74
N ASN B 97 -0.23 -16.44 -1.28
CA ASN B 97 -0.24 -16.20 0.16
C ASN B 97 -1.33 -15.29 0.79
N ASN B 98 -2.60 -15.53 0.39
CA ASN B 98 -3.74 -14.77 0.87
C ASN B 98 -4.57 -15.41 1.99
N ARG B 99 -5.32 -14.55 2.70
CA ARG B 99 -6.49 -15.05 3.44
C ARG B 99 -7.59 -14.07 3.32
N PHE B 100 -8.77 -14.60 3.63
CA PHE B 100 -9.84 -13.72 4.03
C PHE B 100 -9.52 -12.89 5.27
N ASN B 101 -10.13 -11.69 5.32
CA ASN B 101 -10.14 -10.96 6.59
C ASN B 101 -11.62 -10.76 6.96
N ASP B 102 -12.04 -9.49 7.16
CA ASP B 102 -13.33 -9.17 7.65
C ASP B 102 -14.47 -9.56 6.68
N GLY B 103 -15.58 -10.06 7.25
CA GLY B 103 -16.76 -10.46 6.42
C GLY B 103 -18.08 -10.36 7.28
N LYS B 104 -19.23 -10.23 6.59
CA LYS B 104 -20.43 -9.83 7.21
C LYS B 104 -21.48 -10.14 6.13
N VAL B 105 -22.70 -10.46 6.56
CA VAL B 105 -23.84 -10.88 5.68
C VAL B 105 -24.60 -9.53 5.37
N ASP B 106 -24.89 -9.22 4.08
CA ASP B 106 -26.05 -8.41 3.56
C ASP B 106 -27.36 -8.36 4.19
N PRO B 107 -28.07 -7.24 3.93
CA PRO B 107 -29.52 -7.23 4.15
C PRO B 107 -30.34 -8.29 3.32
N ALA B 108 -29.74 -8.98 2.38
CA ALA B 108 -30.32 -9.92 1.46
C ALA B 108 -29.61 -11.26 1.61
N GLY B 109 -28.87 -11.40 2.73
CA GLY B 109 -28.33 -12.70 3.04
C GLY B 109 -27.15 -13.16 2.21
N ARG B 110 -26.47 -12.22 1.58
CA ARG B 110 -25.22 -12.49 0.87
C ARG B 110 -24.03 -12.26 1.78
N TYR B 111 -23.10 -13.21 1.76
CA TYR B 111 -22.07 -13.29 2.75
C TYR B 111 -20.91 -12.39 2.09
N PHE B 112 -20.87 -11.10 2.41
CA PHE B 112 -19.65 -10.27 1.93
C PHE B 112 -18.35 -10.54 2.76
N ALA B 113 -17.22 -10.76 2.11
CA ALA B 113 -15.93 -10.76 2.77
C ALA B 113 -14.75 -10.38 1.87
N GLY B 114 -13.72 -9.63 2.28
CA GLY B 114 -12.56 -9.67 1.41
C GLY B 114 -11.36 -10.27 1.96
N THR B 115 -10.27 -10.11 1.14
CA THR B 115 -8.97 -10.77 1.37
C THR B 115 -7.85 -9.71 1.54
N MET B 116 -6.67 -10.24 1.77
CA MET B 116 -5.45 -9.44 2.06
C MET B 116 -4.32 -10.45 1.91
N ALA B 117 -3.12 -9.99 1.63
CA ALA B 117 -1.95 -10.79 1.79
C ALA B 117 -1.67 -11.11 3.23
N GLU B 118 -1.26 -12.32 3.48
CA GLU B 118 -0.87 -12.70 4.80
C GLU B 118 0.46 -12.09 5.16
N GLU B 119 0.57 -11.68 6.36
CA GLU B 119 1.56 -10.70 6.81
C GLU B 119 1.58 -10.59 8.33
N THR B 120 2.74 -10.71 8.89
CA THR B 120 2.91 -10.15 10.22
C THR B 120 4.32 -9.60 10.42
N ALA B 121 5.19 -9.79 9.46
CA ALA B 121 5.67 -8.71 8.56
C ALA B 121 4.73 -7.52 8.25
N PRO B 122 5.25 -6.31 8.53
CA PRO B 122 4.67 -5.07 8.03
C PRO B 122 5.62 -3.89 8.22
N ALA B 123 6.26 -3.43 7.13
CA ALA B 123 7.62 -2.91 7.19
C ALA B 123 8.64 -4.04 7.13
N VAL B 124 8.24 -5.08 6.24
CA VAL B 124 9.16 -5.45 5.17
C VAL B 124 8.41 -5.81 3.90
N LEU B 125 7.33 -5.13 3.46
CA LEU B 125 6.38 -5.83 2.59
C LEU B 125 5.22 -4.93 2.19
N GLU B 126 4.02 -5.76 1.77
CA GLU B 126 3.36 -5.43 0.52
C GLU B 126 2.14 -6.31 0.28
N ARG B 127 1.31 -5.79 -1.00
CA ARG B 127 0.13 -4.95 -0.90
C ARG B 127 -0.63 -4.91 -2.22
N HIS B 128 -1.65 -4.21 -1.62
CA HIS B 128 -2.68 -4.33 -2.64
C HIS B 128 -3.15 -5.69 -3.20
N GLN B 129 -3.03 -6.71 -2.38
CA GLN B 129 -3.19 -8.13 -2.80
C GLN B 129 -4.66 -8.76 -2.64
N GLY B 130 -5.48 -7.92 -2.07
CA GLY B 130 -6.82 -8.20 -1.57
C GLY B 130 -7.82 -7.79 -2.62
N ALA B 131 -9.04 -8.29 -2.38
CA ALA B 131 -10.12 -8.02 -3.24
C ALA B 131 -11.44 -8.21 -2.38
N LEU B 132 -12.51 -7.50 -2.71
CA LEU B 132 -13.75 -7.67 -1.97
C LEU B 132 -14.67 -8.62 -2.77
N TYR B 133 -15.29 -9.55 -2.02
CA TYR B 133 -16.12 -10.71 -2.53
C TYR B 133 -17.47 -10.72 -1.90
N SER B 134 -18.46 -11.38 -2.57
CA SER B 134 -19.67 -11.75 -1.90
C SER B 134 -20.13 -13.16 -2.37
N LEU B 135 -20.53 -13.98 -1.35
CA LEU B 135 -21.03 -15.30 -1.52
C LEU B 135 -22.62 -15.22 -1.57
N PHE B 136 -23.21 -15.40 -2.76
CA PHE B 136 -24.67 -15.34 -2.96
C PHE B 136 -25.38 -16.67 -2.40
N PRO B 137 -26.71 -16.55 -2.11
CA PRO B 137 -27.56 -17.70 -1.72
C PRO B 137 -27.31 -18.93 -2.60
N ASP B 138 -27.22 -18.81 -3.93
CA ASP B 138 -26.95 -19.98 -4.82
C ASP B 138 -25.51 -20.55 -4.76
N HIS B 139 -24.79 -20.08 -3.71
CA HIS B 139 -23.38 -20.46 -3.52
C HIS B 139 -22.48 -19.93 -4.66
N HIS B 140 -22.97 -19.10 -5.60
CA HIS B 140 -22.03 -18.36 -6.55
C HIS B 140 -21.21 -17.13 -5.93
N VAL B 141 -20.02 -16.85 -6.45
CA VAL B 141 -19.21 -15.71 -5.86
C VAL B 141 -19.09 -14.49 -6.92
N LYS B 142 -19.18 -13.22 -6.43
CA LYS B 142 -18.88 -11.98 -7.20
C LYS B 142 -17.63 -11.38 -6.53
N LYS B 143 -16.69 -10.97 -7.40
CA LYS B 143 -15.59 -10.04 -7.07
C LYS B 143 -16.06 -8.58 -7.34
N TYR B 144 -16.06 -7.76 -6.29
CA TYR B 144 -16.47 -6.35 -6.43
C TYR B 144 -15.32 -5.49 -6.95
N PHE B 145 -14.09 -5.66 -6.49
CA PHE B 145 -12.98 -4.74 -6.71
C PHE B 145 -11.74 -5.32 -6.15
N ASP B 146 -10.63 -5.03 -6.82
CA ASP B 146 -9.35 -5.51 -6.32
C ASP B 146 -8.47 -4.37 -5.64
N GLN B 147 -7.17 -4.64 -5.52
CA GLN B 147 -6.14 -3.52 -5.11
C GLN B 147 -6.38 -3.14 -3.62
N VAL B 148 -6.86 -4.10 -2.86
CA VAL B 148 -7.29 -3.91 -1.44
C VAL B 148 -6.10 -4.40 -0.63
N ASP B 149 -5.74 -3.60 0.36
CA ASP B 149 -4.60 -3.94 1.23
C ASP B 149 -5.03 -4.95 2.34
N ILE B 150 -5.92 -4.46 3.21
CA ILE B 150 -6.52 -5.24 4.30
C ILE B 150 -8.03 -4.96 4.30
N SER B 151 -8.79 -5.90 3.72
CA SER B 151 -10.26 -5.89 3.80
C SER B 151 -10.68 -5.95 5.28
N ASN B 152 -11.42 -4.93 5.68
CA ASN B 152 -11.77 -4.71 7.07
C ASN B 152 -13.23 -4.42 7.33
N GLY B 153 -13.54 -3.59 8.33
CA GLY B 153 -14.96 -3.47 8.76
C GLY B 153 -15.89 -3.07 7.66
N LEU B 154 -17.17 -3.46 7.78
CA LEU B 154 -18.11 -3.30 6.70
C LEU B 154 -19.49 -3.40 7.39
N ASP B 155 -20.42 -2.73 6.76
CA ASP B 155 -21.77 -2.62 7.12
C ASP B 155 -22.60 -1.85 6.10
N TRP B 156 -23.91 -1.69 6.40
CA TRP B 156 -24.91 -1.16 5.49
C TRP B 156 -25.87 -0.27 6.23
N SER B 157 -26.38 0.77 5.55
CA SER B 157 -27.21 1.79 6.17
C SER B 157 -28.57 1.14 6.45
N LEU B 158 -29.26 1.71 7.42
CA LEU B 158 -30.52 1.16 7.88
C LEU B 158 -31.55 1.08 6.76
N ASP B 159 -31.49 1.93 5.77
CA ASP B 159 -32.50 1.88 4.74
C ASP B 159 -32.07 0.97 3.57
N HIS B 160 -30.99 0.17 3.75
CA HIS B 160 -30.39 -0.68 2.68
C HIS B 160 -29.98 -0.03 1.33
N LYS B 161 -29.58 1.27 1.30
CA LYS B 161 -29.19 2.01 0.08
C LYS B 161 -27.64 2.34 -0.02
N ILE B 162 -26.92 2.16 1.09
CA ILE B 162 -25.47 2.44 1.19
C ILE B 162 -24.67 1.36 1.94
N PHE B 163 -23.54 0.99 1.33
CA PHE B 163 -22.54 0.09 1.87
C PHE B 163 -21.36 0.86 2.44
N TYR B 164 -21.05 0.66 3.73
CA TYR B 164 -19.81 1.11 4.34
C TYR B 164 -18.64 0.10 4.40
N TYR B 165 -17.43 0.57 4.07
CA TYR B 165 -16.33 -0.36 3.92
C TYR B 165 -14.98 0.28 4.39
N ILE B 166 -14.17 -0.51 5.13
CA ILE B 166 -12.83 0.00 5.48
C ILE B 166 -11.79 -0.90 4.82
N ASP B 167 -10.82 -0.31 4.07
CA ASP B 167 -9.60 -1.01 3.77
C ASP B 167 -8.61 -0.36 4.69
N SER B 168 -8.04 -1.15 5.59
CA SER B 168 -7.41 -0.57 6.72
C SER B 168 -6.26 0.42 6.40
N LEU B 169 -5.40 0.05 5.45
CA LEU B 169 -4.15 0.90 5.15
C LEU B 169 -4.59 2.05 4.31
N SER B 170 -5.92 2.20 4.09
CA SER B 170 -6.34 3.43 3.42
C SER B 170 -6.58 4.57 4.48
N TYR B 171 -6.77 4.17 5.76
CA TYR B 171 -7.06 5.11 6.89
C TYR B 171 -8.30 5.96 6.75
N SER B 172 -9.25 5.38 6.03
CA SER B 172 -10.44 6.03 5.56
C SER B 172 -11.62 5.04 5.64
N VAL B 173 -12.76 5.49 6.13
CA VAL B 173 -14.06 4.80 5.98
C VAL B 173 -14.75 5.17 4.69
N ASP B 174 -15.02 4.25 3.75
CA ASP B 174 -15.64 4.69 2.40
C ASP B 174 -17.18 4.27 2.44
N ALA B 175 -17.95 4.75 1.44
CA ALA B 175 -19.39 4.57 1.35
C ALA B 175 -19.56 4.30 -0.13
N PHE B 176 -20.54 3.45 -0.44
CA PHE B 176 -20.93 3.18 -1.81
C PHE B 176 -22.44 3.16 -1.75
N ASP B 177 -23.02 3.53 -2.89
CA ASP B 177 -24.33 3.11 -3.26
C ASP B 177 -24.44 1.56 -3.41
N TYR B 178 -25.50 1.08 -2.79
CA TYR B 178 -25.72 -0.36 -2.73
C TYR B 178 -27.14 -0.66 -3.26
N ASP B 179 -27.19 -1.55 -4.23
CA ASP B 179 -28.48 -2.08 -4.64
C ASP B 179 -28.92 -3.35 -3.91
N LEU B 180 -29.91 -3.24 -3.02
CA LEU B 180 -30.38 -4.42 -2.23
C LEU B 180 -30.74 -5.64 -3.12
N GLN B 181 -31.49 -5.34 -4.16
CA GLN B 181 -32.04 -6.39 -4.99
C GLN B 181 -31.02 -7.15 -5.86
N THR B 182 -29.87 -6.57 -6.11
CA THR B 182 -28.82 -7.22 -6.96
C THR B 182 -27.41 -7.37 -6.26
N GLY B 183 -27.21 -6.65 -5.12
CA GLY B 183 -25.94 -6.61 -4.41
C GLY B 183 -24.82 -5.85 -5.12
N GLN B 184 -25.14 -5.08 -6.20
CA GLN B 184 -24.19 -4.12 -6.87
C GLN B 184 -23.88 -2.92 -5.97
N ILE B 185 -22.60 -2.54 -6.00
CA ILE B 185 -22.07 -1.32 -5.34
C ILE B 185 -21.49 -0.27 -6.35
N SER B 186 -21.70 1.03 -6.13
CA SER B 186 -21.02 2.01 -7.00
C SER B 186 -20.58 3.29 -6.27
N ASN B 187 -19.94 4.20 -7.01
CA ASN B 187 -19.68 5.60 -6.56
C ASN B 187 -18.97 5.59 -5.23
N ARG B 188 -17.84 4.85 -5.22
CA ARG B 188 -17.06 4.74 -3.96
C ARG B 188 -16.73 6.16 -3.57
N ARG B 189 -16.91 6.55 -2.30
CA ARG B 189 -16.38 7.86 -1.78
C ARG B 189 -16.01 7.76 -0.36
N SER B 190 -15.01 8.49 0.02
CA SER B 190 -14.60 8.58 1.40
C SER B 190 -15.53 9.39 2.30
N VAL B 191 -15.90 8.82 3.45
CA VAL B 191 -16.80 9.51 4.37
C VAL B 191 -16.11 9.90 5.69
N TYR B 192 -14.95 9.31 6.00
CA TYR B 192 -14.15 9.70 7.17
C TYR B 192 -12.74 9.15 7.06
N LYS B 193 -11.73 10.04 7.33
CA LYS B 193 -10.26 9.82 7.27
C LYS B 193 -9.88 9.89 8.72
N LEU B 194 -9.17 8.85 9.20
CA LEU B 194 -8.77 8.82 10.60
C LEU B 194 -7.70 9.89 10.85
N GLU B 195 -7.86 10.47 12.00
CA GLU B 195 -6.81 11.09 12.72
C GLU B 195 -5.82 9.98 13.19
N LYS B 196 -4.59 10.47 13.15
CA LYS B 196 -3.36 9.75 13.50
C LYS B 196 -3.46 8.92 14.77
N GLU B 197 -4.10 9.54 15.79
CA GLU B 197 -4.26 8.91 17.11
C GLU B 197 -5.32 7.76 17.16
N GLU B 198 -6.24 7.83 16.20
CA GLU B 198 -7.10 6.82 15.77
C GLU B 198 -6.34 5.68 15.11
N GLN B 199 -5.09 5.89 14.71
CA GLN B 199 -4.33 4.74 14.24
C GLN B 199 -5.01 3.94 13.09
N ILE B 200 -4.90 2.57 13.17
CA ILE B 200 -5.39 1.72 12.00
C ILE B 200 -6.91 1.50 12.11
N PRO B 201 -7.79 1.90 11.10
CA PRO B 201 -9.28 1.50 11.34
C PRO B 201 -9.47 -0.02 11.02
N ASP B 202 -10.37 -0.69 11.79
CA ASP B 202 -10.33 -2.09 11.67
C ASP B 202 -11.83 -2.47 11.42
N GLY B 203 -12.37 -3.12 12.45
CA GLY B 203 -13.89 -3.56 12.41
C GLY B 203 -14.86 -2.40 12.54
N MET B 204 -16.06 -2.56 11.99
CA MET B 204 -17.04 -1.59 12.15
C MET B 204 -18.50 -2.13 12.26
N CYS B 205 -19.35 -1.46 13.02
CA CYS B 205 -20.80 -1.69 12.88
C CYS B 205 -21.61 -0.43 12.91
N ILE B 206 -22.84 -0.54 12.45
CA ILE B 206 -23.79 0.53 12.44
C ILE B 206 -24.68 0.44 13.61
N ASP B 207 -25.23 1.56 14.04
CA ASP B 207 -26.07 1.51 15.23
C ASP B 207 -27.52 1.84 14.77
N ALA B 208 -28.48 1.80 15.69
CA ALA B 208 -29.89 1.92 15.27
C ALA B 208 -30.25 3.37 14.92
N GLU B 209 -29.39 4.34 15.19
CA GLU B 209 -29.53 5.70 14.60
C GLU B 209 -28.75 5.89 13.30
N GLY B 210 -28.10 4.84 12.79
CA GLY B 210 -27.41 4.95 11.52
C GLY B 210 -25.99 5.52 11.65
N LYS B 211 -25.49 5.72 12.87
CA LYS B 211 -24.06 6.13 13.05
C LYS B 211 -23.15 4.86 13.06
N LEU B 212 -21.84 5.03 12.89
CA LEU B 212 -20.82 4.04 12.64
C LEU B 212 -19.80 4.08 13.75
N TRP B 213 -19.54 2.88 14.26
CA TRP B 213 -18.56 2.54 15.30
C TRP B 213 -17.41 1.72 14.71
N VAL B 214 -16.23 2.35 14.74
CA VAL B 214 -15.05 1.83 14.12
C VAL B 214 -14.10 1.50 15.31
N ALA B 215 -13.59 0.23 15.35
CA ALA B 215 -12.57 -0.22 16.25
C ALA B 215 -11.21 0.32 15.56
N CYS B 216 -10.38 0.79 16.49
CA CYS B 216 -9.04 1.43 16.06
C CYS B 216 -7.83 0.64 16.58
N TYR B 217 -7.26 -0.16 15.69
CA TYR B 217 -6.18 -1.00 15.98
C TYR B 217 -4.94 -0.20 16.35
N ASN B 218 -4.27 -0.56 17.46
CA ASN B 218 -3.21 0.26 18.08
C ASN B 218 -3.79 1.50 18.75
N GLY B 219 -5.09 1.76 18.44
CA GLY B 219 -5.87 2.92 18.93
C GLY B 219 -6.38 2.84 20.37
N GLY B 220 -6.67 1.62 20.97
CA GLY B 220 -7.18 1.50 22.36
C GLY B 220 -8.53 2.16 22.48
N ARG B 221 -9.31 2.16 21.39
CA ARG B 221 -10.54 2.99 21.26
C ARG B 221 -11.47 2.38 20.18
N VAL B 222 -12.69 2.79 20.32
CA VAL B 222 -13.67 2.62 19.20
C VAL B 222 -14.23 4.03 19.07
N ILE B 223 -14.57 4.45 17.87
CA ILE B 223 -14.99 5.85 17.52
C ILE B 223 -16.36 5.82 16.81
N ARG B 224 -17.24 6.73 17.18
CA ARG B 224 -18.55 6.80 16.59
C ARG B 224 -18.50 7.93 15.54
N LEU B 225 -18.84 7.60 14.28
CA LEU B 225 -18.91 8.59 13.16
C LEU B 225 -20.33 8.75 12.69
N ASP B 226 -20.70 10.00 12.40
CA ASP B 226 -21.76 10.30 11.41
C ASP B 226 -21.34 10.19 9.90
N PRO B 227 -21.82 9.15 9.17
CA PRO B 227 -21.40 8.95 7.79
C PRO B 227 -22.03 10.10 6.80
N VAL B 228 -23.10 10.77 7.26
CA VAL B 228 -23.81 11.76 6.40
C VAL B 228 -23.23 13.17 6.62
N THR B 229 -22.70 13.46 7.80
CA THR B 229 -21.99 14.70 8.07
C THR B 229 -20.47 14.69 7.91
N GLY B 230 -19.86 13.52 7.97
CA GLY B 230 -18.43 13.33 7.80
C GLY B 230 -17.64 13.49 9.09
N LYS B 231 -18.34 13.69 10.24
CA LYS B 231 -17.63 14.05 11.49
C LYS B 231 -17.52 12.88 12.61
N ARG B 232 -16.49 12.85 13.47
CA ARG B 232 -16.49 11.93 14.62
C ARG B 232 -17.50 12.46 15.69
N LEU B 233 -18.28 11.58 16.32
CA LEU B 233 -19.26 11.98 17.36
C LEU B 233 -18.78 11.68 18.77
N GLN B 234 -17.85 10.73 18.92
CA GLN B 234 -17.49 10.24 20.24
C GLN B 234 -16.32 9.34 20.13
N THR B 235 -15.55 9.22 21.21
CA THR B 235 -14.41 8.33 21.31
C THR B 235 -14.61 7.58 22.65
N VAL B 236 -14.59 6.26 22.61
CA VAL B 236 -14.69 5.48 23.88
C VAL B 236 -13.34 4.77 23.99
N LYS B 237 -12.49 5.16 24.98
CA LYS B 237 -11.19 4.49 25.19
C LYS B 237 -11.32 3.12 25.93
N LEU B 238 -10.54 2.12 25.54
CA LEU B 238 -10.56 0.74 26.18
C LEU B 238 -9.24 0.50 26.91
N PRO B 239 -9.18 -0.41 27.91
CA PRO B 239 -7.87 -0.62 28.60
C PRO B 239 -6.89 -1.49 27.85
N VAL B 240 -7.09 -1.57 26.55
CA VAL B 240 -6.27 -2.36 25.68
C VAL B 240 -6.04 -1.52 24.40
N ASP B 241 -4.84 -1.64 23.87
CA ASP B 241 -4.46 -0.90 22.66
C ASP B 241 -4.95 -1.51 21.37
N LYS B 242 -4.97 -2.90 21.32
CA LYS B 242 -5.23 -3.60 20.12
C LYS B 242 -6.64 -4.09 19.91
N THR B 243 -7.60 -3.16 20.09
CA THR B 243 -9.00 -3.22 19.73
C THR B 243 -9.18 -3.56 18.24
N THR B 244 -9.97 -4.62 17.84
CA THR B 244 -9.97 -5.02 16.44
C THR B 244 -11.28 -4.74 15.80
N SER B 245 -12.39 -5.09 16.68
CA SER B 245 -13.73 -5.06 16.11
C SER B 245 -14.71 -4.74 17.16
N CYS B 246 -15.95 -4.53 16.71
CA CYS B 246 -17.05 -4.38 17.65
C CYS B 246 -18.40 -4.74 17.05
N CYS B 247 -19.35 -5.13 17.91
CA CYS B 247 -20.77 -5.28 17.52
C CYS B 247 -21.65 -4.98 18.67
N PHE B 248 -22.95 -4.85 18.42
CA PHE B 248 -23.92 -4.61 19.43
C PHE B 248 -24.57 -6.00 19.74
N GLY B 249 -24.87 -6.20 21.01
CA GLY B 249 -25.59 -7.43 21.45
C GLY B 249 -26.33 -7.22 22.74
N GLY B 250 -26.52 -8.30 23.53
CA GLY B 250 -27.19 -8.24 24.82
C GLY B 250 -28.62 -7.87 24.53
N LYS B 251 -29.31 -7.47 25.61
CA LYS B 251 -30.77 -7.16 25.68
C LYS B 251 -31.08 -5.88 24.85
N ASN B 252 -31.97 -6.09 23.88
CA ASN B 252 -32.33 -5.03 22.93
C ASN B 252 -31.13 -4.43 22.17
N TYR B 253 -30.06 -5.19 21.93
CA TYR B 253 -28.83 -4.71 21.20
C TYR B 253 -28.22 -3.46 21.90
N SER B 254 -28.26 -3.39 23.22
CA SER B 254 -27.84 -2.20 23.99
C SER B 254 -26.42 -2.22 24.58
N GLU B 255 -25.72 -3.33 24.39
CA GLU B 255 -24.34 -3.53 24.88
C GLU B 255 -23.46 -3.59 23.63
N MET B 256 -22.21 -3.18 23.80
CA MET B 256 -21.27 -3.36 22.75
C MET B 256 -20.20 -4.30 23.20
N TYR B 257 -19.92 -5.23 22.28
CA TYR B 257 -18.91 -6.21 22.47
C TYR B 257 -17.73 -5.83 21.63
N VAL B 258 -16.56 -5.88 22.25
CA VAL B 258 -15.35 -5.50 21.52
C VAL B 258 -14.22 -6.53 21.51
N THR B 259 -13.68 -6.86 20.35
CA THR B 259 -12.54 -7.77 20.27
C THR B 259 -11.15 -7.12 20.35
N CYS B 260 -10.13 -7.87 20.76
CA CYS B 260 -8.79 -7.24 20.72
C CYS B 260 -7.74 -8.33 20.53
N ALA B 261 -6.44 -7.93 20.39
CA ALA B 261 -5.38 -8.83 19.99
C ALA B 261 -4.30 -8.72 21.05
N ARG B 262 -3.83 -9.88 21.49
CA ARG B 262 -2.71 -10.03 22.39
C ARG B 262 -1.42 -10.17 21.54
N ASP B 263 -1.50 -10.56 20.25
CA ASP B 263 -0.28 -10.75 19.40
C ASP B 263 0.48 -9.39 19.14
N GLY B 264 1.84 -9.49 19.06
CA GLY B 264 2.64 -8.33 18.72
C GLY B 264 2.83 -7.32 19.86
N MET B 265 2.30 -7.63 21.04
CA MET B 265 2.70 -6.99 22.27
C MET B 265 4.07 -7.46 22.80
N ASP B 266 4.72 -6.59 23.59
CA ASP B 266 5.96 -6.95 24.25
C ASP B 266 5.65 -7.19 25.73
N PRO B 267 6.62 -7.81 26.45
CA PRO B 267 6.48 -8.01 27.90
C PRO B 267 5.92 -6.86 28.77
N GLU B 268 6.46 -5.63 28.63
CA GLU B 268 5.99 -4.52 29.41
C GLU B 268 4.60 -4.07 29.00
N GLY B 269 4.24 -4.06 27.73
CA GLY B 269 2.75 -3.84 27.40
C GLY B 269 1.76 -4.93 28.00
N LEU B 270 2.08 -6.24 27.83
CA LEU B 270 1.29 -7.35 28.50
C LEU B 270 1.20 -7.12 30.02
N LEU B 271 2.28 -6.67 30.64
CA LEU B 271 2.27 -6.28 32.02
C LEU B 271 1.23 -5.28 32.42
N ARG B 272 1.02 -4.21 31.72
CA ARG B 272 -0.08 -3.38 32.20
C ARG B 272 -1.34 -3.27 31.38
N GLN B 273 -1.38 -4.05 30.32
CA GLN B 273 -2.66 -4.47 29.62
C GLN B 273 -2.84 -6.02 29.80
N PRO B 274 -3.07 -6.52 31.08
CA PRO B 274 -3.03 -7.99 31.32
C PRO B 274 -4.26 -8.69 30.67
N GLU B 275 -5.30 -7.91 30.37
CA GLU B 275 -6.56 -8.43 29.69
C GLU B 275 -6.53 -8.31 28.16
N ALA B 276 -5.33 -8.02 27.59
CA ALA B 276 -5.17 -7.94 26.11
C ALA B 276 -5.63 -9.24 25.43
N GLY B 277 -6.32 -9.15 24.30
CA GLY B 277 -6.89 -10.42 23.71
C GLY B 277 -8.26 -10.81 24.31
N GLY B 278 -8.68 -10.15 25.38
CA GLY B 278 -10.08 -10.47 26.01
C GLY B 278 -11.25 -9.94 25.24
N ILE B 279 -12.45 -10.29 25.67
CA ILE B 279 -13.66 -9.72 25.12
C ILE B 279 -14.15 -8.75 26.09
N PHE B 280 -14.35 -7.53 25.64
CA PHE B 280 -14.94 -6.50 26.45
C PHE B 280 -16.42 -6.20 26.20
N LYS B 281 -17.15 -5.90 27.25
CA LYS B 281 -18.52 -5.45 27.09
C LYS B 281 -18.64 -3.97 27.52
N ILE B 282 -19.19 -3.12 26.67
CA ILE B 282 -19.34 -1.67 27.03
C ILE B 282 -20.84 -1.44 27.24
N THR B 283 -21.24 -1.07 28.47
CA THR B 283 -22.63 -0.73 28.77
C THR B 283 -22.69 0.80 29.01
N GLY B 284 -23.87 1.36 28.75
CA GLY B 284 -24.17 2.75 28.94
C GLY B 284 -23.74 3.61 27.81
N LEU B 285 -23.58 3.05 26.60
CA LEU B 285 -23.33 3.88 25.38
C LEU B 285 -24.47 4.87 25.01
N GLY B 286 -25.69 4.60 25.52
CA GLY B 286 -26.88 5.40 25.32
C GLY B 286 -27.39 5.33 23.91
N VAL B 287 -26.87 4.33 23.17
CA VAL B 287 -27.35 3.86 21.83
C VAL B 287 -27.50 2.27 21.81
N LYS B 288 -28.51 1.81 21.08
CA LYS B 288 -28.66 0.40 20.74
C LYS B 288 -28.17 0.10 19.32
N GLY B 289 -27.76 -1.13 19.04
CA GLY B 289 -27.45 -1.48 17.69
C GLY B 289 -28.60 -2.19 16.98
N ILE B 290 -28.28 -2.91 15.90
CA ILE B 290 -29.26 -3.68 15.20
C ILE B 290 -28.75 -5.12 15.04
N ALA B 291 -29.65 -6.02 14.67
CA ALA B 291 -29.41 -7.46 14.59
C ALA B 291 -28.61 -7.78 13.36
N PRO B 292 -27.78 -8.81 13.37
CA PRO B 292 -27.00 -9.08 12.10
C PRO B 292 -27.91 -9.79 11.08
N TYR B 293 -27.60 -9.87 9.82
CA TYR B 293 -28.30 -10.67 8.85
C TYR B 293 -27.72 -12.09 8.80
N SER B 294 -28.51 -13.03 8.30
CA SER B 294 -28.11 -14.48 8.21
C SER B 294 -27.99 -14.87 6.81
N TYR B 295 -26.88 -15.58 6.52
CA TYR B 295 -26.55 -15.99 5.18
C TYR B 295 -27.81 -16.89 4.65
N ALA B 296 -28.24 -16.63 3.40
CA ALA B 296 -29.34 -17.20 2.68
C ALA B 296 -29.11 -18.47 1.84
N GLY B 297 -27.88 -19.04 1.88
CA GLY B 297 -27.57 -20.38 1.18
C GLY B 297 -27.21 -21.72 1.90
ZN ZN C . 10.66 6.75 -11.93
ZN ZN D . -10.34 -6.84 11.41
#